data_3DPF
#
_entry.id   3DPF
#
_cell.length_a   68.300
_cell.length_b   69.210
_cell.length_c   81.230
_cell.angle_alpha   90.00
_cell.angle_beta   90.00
_cell.angle_gamma   90.00
#
_symmetry.space_group_name_H-M   'P 21 21 21'
#
loop_
_entity.id
_entity.type
_entity.pdbx_description
1 polymer 'Neutrophil collagenase'
2 non-polymer 'CALCIUM ION'
3 non-polymer 'ZINC ION'
4 non-polymer "N-{[2-(2-amino-3,4-dioxocyclobut-1-en-1-yl)-1,2,3,4-tetrahydroisoquinolin-7-yl]methyl}-4-oxo-3,5,6,8-tetrahydro-4H-thiopyrano[4',3':4,5]thieno[2,3-d]pyrimidine-2-carboxamide 7,7-dioxide"
5 non-polymer 'ACETOHYDROXAMIC ACID'
6 water water
#
_entity_poly.entity_id   1
_entity_poly.type   'polypeptide(L)'
_entity_poly.pdbx_seq_one_letter_code
;MLTPGNPKWERTNLTYRIRNYTPQLSEAEVERAIKDAFELWSVASPLIFTRISQGEADINIAFYQRDHGDNSPFDGPNGI
LAHAFQPGQGIGGDAHFDAEETWTNTSANYNLFLVAAHEFGHSLGLAHSSDPGALMYPNYAFRETSNYSLPQDDIDGIQA
IYG
;
_entity_poly.pdbx_strand_id   A,B
#
loop_
_chem_comp.id
_chem_comp.type
_chem_comp.name
_chem_comp.formula
AXB non-polymer 'N-{[2-(2-amino-3,4-dioxocyclobut-1-en-1-yl)-1,2,3,4-tetrahydroisoquinolin-7-yl]methyl}-4-oxo-3,5,6,8-tetrahydro-4H-thiopyrano[4',3':4,5]thieno[2,3-d]pyrimidine-2-carboxamide 7,7-dioxide' 'C24 H21 N5 O6 S2'
CA non-polymer 'CALCIUM ION' 'Ca 2'
HAE non-polymer 'ACETOHYDROXAMIC ACID' 'C2 H5 N O2'
ZN non-polymer 'ZINC ION' 'Zn 2'
#
# COMPACT_ATOMS: atom_id res chain seq x y z
N MET A 1 2.09 11.22 23.11
CA MET A 1 1.46 9.90 22.78
C MET A 1 2.48 9.00 22.08
N LEU A 2 3.74 9.39 22.14
CA LEU A 2 4.81 8.62 21.53
C LEU A 2 5.54 7.78 22.57
N THR A 3 5.83 6.54 22.20
CA THR A 3 6.55 5.62 23.09
C THR A 3 7.90 6.24 23.43
N PRO A 4 8.28 6.19 24.72
CA PRO A 4 9.57 6.76 25.13
C PRO A 4 10.73 6.28 24.27
N GLY A 5 11.59 7.23 23.89
CA GLY A 5 12.74 6.90 23.05
C GLY A 5 12.45 7.13 21.59
N ASN A 6 11.21 7.52 21.29
CA ASN A 6 10.76 7.79 19.92
C ASN A 6 11.16 6.74 18.90
N PRO A 7 11.01 5.44 19.23
CA PRO A 7 11.37 4.38 18.28
C PRO A 7 10.33 4.26 17.17
N LYS A 8 10.76 4.35 15.91
CA LYS A 8 9.83 4.25 14.79
C LYS A 8 10.40 3.37 13.68
N TRP A 9 9.53 2.90 12.79
CA TRP A 9 9.99 2.08 11.69
C TRP A 9 10.65 3.00 10.66
N GLU A 10 11.74 2.54 10.06
CA GLU A 10 12.44 3.34 9.06
C GLU A 10 11.92 3.11 7.65
N ARG A 11 10.90 2.26 7.53
CA ARG A 11 10.27 1.93 6.26
C ARG A 11 8.75 2.03 6.44
N THR A 12 8.03 2.41 5.39
CA THR A 12 6.58 2.51 5.49
C THR A 12 5.85 1.25 5.02
N ASN A 13 6.53 0.42 4.22
CA ASN A 13 5.95 -0.83 3.74
C ASN A 13 6.30 -1.95 4.72
N LEU A 14 5.34 -2.39 5.52
CA LEU A 14 5.60 -3.44 6.50
C LEU A 14 4.85 -4.72 6.19
N THR A 15 5.41 -5.85 6.62
CA THR A 15 4.77 -7.15 6.42
C THR A 15 4.33 -7.72 7.76
N TYR A 16 3.29 -8.53 7.74
CA TYR A 16 2.82 -9.17 8.95
C TYR A 16 2.48 -10.61 8.63
N ARG A 17 2.49 -11.46 9.66
CA ARG A 17 2.14 -12.87 9.48
C ARG A 17 1.40 -13.40 10.70
N ILE A 18 0.27 -14.06 10.46
CA ILE A 18 -0.51 -14.66 11.52
C ILE A 18 0.10 -16.05 11.70
N ARG A 19 0.83 -16.24 12.80
CA ARG A 19 1.52 -17.51 13.06
C ARG A 19 0.63 -18.69 13.45
N ASN A 20 -0.41 -18.44 14.24
CA ASN A 20 -1.33 -19.50 14.63
C ASN A 20 -2.71 -18.89 14.84
N TYR A 21 -3.71 -19.71 15.08
CA TYR A 21 -5.07 -19.22 15.26
C TYR A 21 -5.72 -19.61 16.59
N THR A 22 -6.92 -19.10 16.82
CA THR A 22 -7.67 -19.38 18.03
C THR A 22 -8.90 -20.21 17.66
N PRO A 23 -9.11 -21.35 18.35
CA PRO A 23 -10.24 -22.25 18.11
C PRO A 23 -11.61 -21.63 18.34
N GLN A 24 -11.65 -20.44 18.93
CA GLN A 24 -12.92 -19.78 19.21
C GLN A 24 -13.52 -19.09 18.00
N LEU A 25 -12.71 -18.92 16.97
CA LEU A 25 -13.15 -18.25 15.76
C LEU A 25 -12.67 -19.02 14.55
N SER A 26 -13.31 -18.77 13.41
CA SER A 26 -12.89 -19.45 12.18
C SER A 26 -11.65 -18.72 11.70
N GLU A 27 -10.82 -19.40 10.93
CA GLU A 27 -9.61 -18.78 10.42
C GLU A 27 -9.97 -17.51 9.65
N ALA A 28 -11.04 -17.58 8.87
CA ALA A 28 -11.51 -16.46 8.07
C ALA A 28 -11.88 -15.28 8.96
N GLU A 29 -12.46 -15.56 10.12
CA GLU A 29 -12.86 -14.51 11.05
C GLU A 29 -11.65 -13.83 11.70
N VAL A 30 -10.61 -14.61 11.99
CA VAL A 30 -9.41 -14.07 12.59
C VAL A 30 -8.67 -13.19 11.58
N GLU A 31 -8.58 -13.70 10.36
CA GLU A 31 -7.92 -12.97 9.29
C GLU A 31 -8.59 -11.63 9.02
N ARG A 32 -9.92 -11.62 9.02
CA ARG A 32 -10.69 -10.41 8.77
C ARG A 32 -10.50 -9.41 9.92
N ALA A 33 -10.42 -9.92 11.15
CA ALA A 33 -10.22 -9.05 12.30
C ALA A 33 -8.87 -8.35 12.20
N ILE A 34 -7.83 -9.11 11.90
CA ILE A 34 -6.48 -8.56 11.77
C ILE A 34 -6.39 -7.57 10.62
N LYS A 35 -7.00 -7.92 9.49
CA LYS A 35 -6.98 -7.05 8.31
C LYS A 35 -7.62 -5.71 8.59
N ASP A 36 -8.83 -5.72 9.15
CA ASP A 36 -9.52 -4.46 9.46
C ASP A 36 -8.76 -3.65 10.50
N ALA A 37 -8.11 -4.32 11.44
CA ALA A 37 -7.35 -3.62 12.49
C ALA A 37 -6.23 -2.80 11.87
N PHE A 38 -5.52 -3.41 10.91
CA PHE A 38 -4.43 -2.73 10.24
C PHE A 38 -4.95 -1.62 9.35
N GLU A 39 -6.10 -1.86 8.71
CA GLU A 39 -6.69 -0.87 7.82
C GLU A 39 -6.99 0.43 8.58
N LEU A 40 -7.28 0.32 9.87
CA LEU A 40 -7.58 1.51 10.67
C LEU A 40 -6.43 2.51 10.65
N TRP A 41 -5.21 1.99 10.81
CA TRP A 41 -4.03 2.83 10.82
C TRP A 41 -3.57 3.23 9.43
N SER A 42 -3.69 2.31 8.47
CA SER A 42 -3.25 2.59 7.11
C SER A 42 -3.99 3.77 6.46
N VAL A 43 -5.31 3.88 6.64
CA VAL A 43 -6.04 4.98 6.03
C VAL A 43 -5.73 6.35 6.66
N ALA A 44 -4.86 6.38 7.65
CA ALA A 44 -4.52 7.65 8.29
C ALA A 44 -3.02 7.91 8.32
N SER A 45 -2.27 7.19 7.50
CA SER A 45 -0.82 7.35 7.46
C SER A 45 -0.31 6.80 6.13
N PRO A 46 1.03 6.80 5.93
CA PRO A 46 1.58 6.27 4.68
C PRO A 46 1.83 4.77 4.77
N LEU A 47 1.62 4.22 5.96
CA LEU A 47 1.85 2.80 6.21
C LEU A 47 1.05 1.83 5.34
N ILE A 48 1.76 0.82 4.85
CA ILE A 48 1.15 -0.22 4.03
C ILE A 48 1.47 -1.55 4.70
N PHE A 49 0.43 -2.35 4.96
CA PHE A 49 0.60 -3.64 5.62
C PHE A 49 0.34 -4.78 4.66
N THR A 50 1.37 -5.62 4.46
CA THR A 50 1.27 -6.75 3.55
C THR A 50 1.37 -8.08 4.27
N ARG A 51 0.38 -8.94 4.06
CA ARG A 51 0.36 -10.24 4.70
C ARG A 51 1.16 -11.27 3.91
N ILE A 52 1.87 -12.11 4.65
CA ILE A 52 2.67 -13.20 4.08
C ILE A 52 2.31 -14.43 4.91
N SER A 53 2.32 -15.60 4.28
CA SER A 53 1.96 -16.83 4.96
C SER A 53 3.16 -17.65 5.38
N GLN A 54 4.35 -17.23 4.96
CA GLN A 54 5.57 -17.94 5.32
C GLN A 54 6.75 -16.97 5.29
N GLY A 55 7.83 -17.33 5.99
CA GLY A 55 8.99 -16.46 6.01
C GLY A 55 8.96 -15.49 7.18
N GLU A 56 9.94 -14.60 7.21
CA GLU A 56 10.05 -13.61 8.28
C GLU A 56 9.40 -12.27 7.93
N ALA A 57 8.40 -11.87 8.71
CA ALA A 57 7.70 -10.62 8.48
C ALA A 57 8.14 -9.59 9.54
N ASP A 58 7.72 -8.35 9.39
CA ASP A 58 8.07 -7.31 10.35
C ASP A 58 7.23 -7.45 11.60
N ILE A 59 5.95 -7.80 11.44
CA ILE A 59 5.08 -7.95 12.59
C ILE A 59 4.48 -9.36 12.69
N ASN A 60 5.00 -10.15 13.64
CA ASN A 60 4.50 -11.49 13.86
C ASN A 60 3.30 -11.40 14.80
N ILE A 61 2.28 -12.20 14.51
CA ILE A 61 1.04 -12.24 15.29
C ILE A 61 0.80 -13.69 15.75
N ALA A 62 0.53 -13.88 17.03
CA ALA A 62 0.32 -15.22 17.55
C ALA A 62 -0.49 -15.26 18.83
N PHE A 63 -1.06 -16.42 19.11
CA PHE A 63 -1.85 -16.63 20.32
C PHE A 63 -1.05 -17.55 21.22
N TYR A 64 -0.68 -17.06 22.40
CA TYR A 64 0.09 -17.86 23.35
C TYR A 64 -0.54 -17.93 24.73
N GLN A 65 -0.10 -18.92 25.48
CA GLN A 65 -0.58 -19.16 26.84
C GLN A 65 0.60 -19.08 27.83
N ARG A 66 0.36 -18.44 28.97
CA ARG A 66 1.36 -18.28 30.03
C ARG A 66 2.76 -17.94 29.50
N ASP A 67 3.78 -18.65 29.99
CA ASP A 67 5.15 -18.41 29.55
C ASP A 67 5.30 -18.85 28.12
N HIS A 68 5.74 -17.93 27.27
CA HIS A 68 5.89 -18.23 25.85
C HIS A 68 7.19 -17.74 25.22
N GLY A 69 8.25 -17.68 26.02
CA GLY A 69 9.55 -17.29 25.50
C GLY A 69 10.09 -15.87 25.51
N ASP A 70 9.30 -14.89 25.90
CA ASP A 70 9.80 -13.52 25.88
C ASP A 70 9.91 -12.84 27.24
N ASN A 71 9.87 -13.63 28.30
CA ASN A 71 9.98 -13.13 29.68
C ASN A 71 8.79 -12.28 30.15
N SER A 72 7.70 -12.27 29.39
CA SER A 72 6.48 -11.55 29.76
C SER A 72 5.32 -12.53 29.60
N PRO A 73 5.07 -13.36 30.62
CA PRO A 73 4.01 -14.37 30.60
C PRO A 73 2.58 -13.84 30.68
N PHE A 74 1.66 -14.59 30.10
CA PHE A 74 0.25 -14.23 30.15
C PHE A 74 -0.30 -14.85 31.43
N ASP A 75 -1.56 -14.55 31.79
CA ASP A 75 -2.10 -15.04 33.06
C ASP A 75 -3.50 -15.65 33.12
N GLY A 76 -3.90 -16.43 32.12
CA GLY A 76 -5.22 -17.03 32.15
C GLY A 76 -6.34 -16.06 31.82
N PRO A 77 -7.61 -16.43 31.99
CA PRO A 77 -8.73 -15.53 31.69
C PRO A 77 -8.60 -14.10 32.24
N ASN A 78 -9.01 -13.13 31.43
CA ASN A 78 -8.98 -11.71 31.81
C ASN A 78 -7.60 -11.16 32.14
N GLY A 79 -7.54 -10.01 32.80
CA GLY A 79 -6.25 -9.43 33.13
C GLY A 79 -5.52 -8.97 31.87
N ILE A 80 -4.27 -9.39 31.70
CA ILE A 80 -3.50 -8.99 30.51
C ILE A 80 -4.08 -9.71 29.30
N LEU A 81 -4.65 -8.96 28.37
CA LEU A 81 -5.26 -9.54 27.17
C LEU A 81 -4.26 -9.79 26.07
N ALA A 82 -3.26 -8.92 25.97
CA ALA A 82 -2.25 -9.05 24.93
C ALA A 82 -1.18 -8.00 25.16
N HIS A 83 -0.15 -8.03 24.31
CA HIS A 83 0.91 -7.03 24.37
C HIS A 83 1.70 -7.03 23.06
N ALA A 84 2.44 -5.95 22.83
CA ALA A 84 3.22 -5.80 21.61
C ALA A 84 4.48 -5.00 21.91
N PHE A 85 5.55 -5.27 21.17
CA PHE A 85 6.82 -4.59 21.36
C PHE A 85 7.01 -3.42 20.41
N GLN A 86 7.74 -2.40 20.86
CA GLN A 86 7.98 -1.21 20.05
C GLN A 86 8.73 -1.53 18.75
N PRO A 87 8.66 -0.63 17.76
CA PRO A 87 9.33 -0.82 16.47
C PRO A 87 10.79 -1.23 16.60
N GLY A 88 11.16 -2.25 15.85
CA GLY A 88 12.54 -2.72 15.89
C GLY A 88 12.67 -4.07 15.22
N GLN A 89 13.90 -4.53 15.05
CA GLN A 89 14.13 -5.83 14.41
C GLN A 89 13.86 -6.97 15.41
N GLY A 90 13.93 -8.20 14.93
CA GLY A 90 13.70 -9.33 15.81
C GLY A 90 12.30 -9.29 16.37
N ILE A 91 12.16 -9.47 17.68
CA ILE A 91 10.85 -9.45 18.30
C ILE A 91 10.18 -8.08 18.25
N GLY A 92 10.91 -7.06 17.80
CA GLY A 92 10.36 -5.73 17.71
C GLY A 92 9.10 -5.64 16.86
N GLY A 93 8.04 -5.03 17.40
CA GLY A 93 6.81 -4.89 16.64
C GLY A 93 5.87 -6.07 16.68
N ASP A 94 6.33 -7.22 17.17
CA ASP A 94 5.50 -8.41 17.25
C ASP A 94 4.36 -8.22 18.26
N ALA A 95 3.23 -8.86 18.00
CA ALA A 95 2.08 -8.76 18.89
C ALA A 95 1.59 -10.14 19.30
N HIS A 96 1.44 -10.35 20.60
CA HIS A 96 0.97 -11.63 21.12
C HIS A 96 -0.37 -11.46 21.83
N PHE A 97 -1.26 -12.44 21.64
CA PHE A 97 -2.58 -12.41 22.28
C PHE A 97 -2.72 -13.62 23.20
N ASP A 98 -3.28 -13.40 24.38
CA ASP A 98 -3.48 -14.49 25.35
C ASP A 98 -4.50 -15.51 24.84
N ALA A 99 -4.03 -16.73 24.56
CA ALA A 99 -4.88 -17.79 24.05
C ALA A 99 -5.99 -18.26 25.02
N GLU A 100 -5.90 -17.90 26.29
CA GLU A 100 -6.92 -18.33 27.26
C GLU A 100 -8.11 -17.39 27.32
N GLU A 101 -8.10 -16.34 26.52
CA GLU A 101 -9.20 -15.38 26.50
C GLU A 101 -10.30 -15.85 25.55
N THR A 102 -11.50 -15.35 25.80
CA THR A 102 -12.61 -15.66 24.91
C THR A 102 -12.49 -14.57 23.84
N TRP A 103 -12.20 -14.99 22.61
CA TRP A 103 -12.07 -14.04 21.52
C TRP A 103 -13.34 -14.07 20.68
N THR A 104 -13.91 -12.89 20.44
CA THR A 104 -15.16 -12.80 19.70
C THR A 104 -15.11 -11.75 18.57
N ASN A 105 -16.19 -11.71 17.80
CA ASN A 105 -16.32 -10.71 16.75
C ASN A 105 -17.59 -9.93 17.04
N THR A 106 -17.97 -9.90 18.32
CA THR A 106 -19.16 -9.19 18.79
C THR A 106 -18.78 -8.20 19.89
N SER A 107 -19.77 -7.68 20.60
CA SER A 107 -19.52 -6.72 21.67
C SER A 107 -19.11 -7.41 22.97
N ALA A 108 -19.24 -8.73 23.00
CA ALA A 108 -18.87 -9.50 24.20
C ALA A 108 -17.34 -9.59 24.35
N ASN A 109 -16.88 -9.67 25.59
CA ASN A 109 -15.43 -9.78 25.87
C ASN A 109 -14.89 -11.07 25.24
N TYR A 110 -13.82 -10.99 24.46
CA TYR A 110 -13.11 -9.76 24.14
C TYR A 110 -13.01 -9.69 22.63
N ASN A 111 -13.38 -8.55 22.05
CA ASN A 111 -13.36 -8.39 20.60
C ASN A 111 -11.92 -8.37 20.06
N LEU A 112 -11.61 -9.34 19.20
CA LEU A 112 -10.27 -9.46 18.63
C LEU A 112 -9.84 -8.23 17.84
N PHE A 113 -10.71 -7.78 16.95
CA PHE A 113 -10.45 -6.60 16.12
C PHE A 113 -10.00 -5.42 16.97
N LEU A 114 -10.74 -5.13 18.04
CA LEU A 114 -10.40 -3.99 18.90
C LEU A 114 -9.07 -4.17 19.64
N VAL A 115 -8.86 -5.33 20.24
CA VAL A 115 -7.61 -5.57 20.97
C VAL A 115 -6.42 -5.50 20.01
N ALA A 116 -6.58 -6.05 18.82
CA ALA A 116 -5.52 -6.03 17.84
C ALA A 116 -5.18 -4.61 17.39
N ALA A 117 -6.21 -3.84 17.03
CA ALA A 117 -5.99 -2.46 16.58
C ALA A 117 -5.18 -1.68 17.62
N HIS A 118 -5.53 -1.89 18.89
CA HIS A 118 -4.84 -1.23 19.99
C HIS A 118 -3.38 -1.69 20.05
N GLU A 119 -3.16 -3.00 20.05
CA GLU A 119 -1.81 -3.57 20.09
C GLU A 119 -0.93 -3.07 18.93
N PHE A 120 -1.50 -2.94 17.73
CA PHE A 120 -0.70 -2.47 16.61
C PHE A 120 -0.21 -1.04 16.82
N GLY A 121 -0.97 -0.23 17.57
CA GLY A 121 -0.55 1.12 17.85
C GLY A 121 0.81 1.07 18.52
N HIS A 122 0.94 0.17 19.49
CA HIS A 122 2.21 -0.03 20.19
C HIS A 122 3.26 -0.56 19.21
N SER A 123 2.85 -1.44 18.30
CA SER A 123 3.78 -1.99 17.31
C SER A 123 4.33 -0.90 16.40
N LEU A 124 3.60 0.21 16.29
CA LEU A 124 4.02 1.32 15.44
C LEU A 124 4.78 2.42 16.17
N GLY A 125 4.80 2.34 17.50
CA GLY A 125 5.53 3.33 18.28
C GLY A 125 4.71 4.30 19.12
N LEU A 126 3.41 4.07 19.24
CA LEU A 126 2.54 4.95 20.02
C LEU A 126 2.42 4.51 21.47
N ALA A 127 2.35 5.49 22.36
CA ALA A 127 2.20 5.25 23.80
C ALA A 127 0.71 5.39 24.13
N HIS A 128 0.34 5.21 25.39
CA HIS A 128 -1.04 5.32 25.81
C HIS A 128 -1.50 6.77 25.77
N SER A 129 -2.79 6.97 25.51
CA SER A 129 -3.35 8.33 25.48
C SER A 129 -4.23 8.54 26.69
N SER A 130 -4.37 9.80 27.11
CA SER A 130 -5.20 10.11 28.26
C SER A 130 -6.62 10.47 27.84
N ASP A 131 -6.87 10.43 26.53
CA ASP A 131 -8.19 10.72 25.97
C ASP A 131 -9.05 9.46 26.06
N PRO A 132 -10.09 9.48 26.91
CA PRO A 132 -10.99 8.33 27.09
C PRO A 132 -11.71 7.81 25.85
N GLY A 133 -11.62 8.54 24.74
CA GLY A 133 -12.29 8.08 23.54
C GLY A 133 -11.30 7.54 22.51
N ALA A 134 -10.01 7.62 22.80
CA ALA A 134 -9.01 7.15 21.87
C ALA A 134 -8.81 5.64 21.90
N LEU A 135 -8.43 5.08 20.75
CA LEU A 135 -8.17 3.65 20.66
C LEU A 135 -7.03 3.32 21.64
N MET A 136 -6.08 4.24 21.75
CA MET A 136 -4.91 4.06 22.60
C MET A 136 -5.11 4.41 24.09
N TYR A 137 -6.37 4.61 24.49
CA TYR A 137 -6.67 4.90 25.89
C TYR A 137 -6.26 3.59 26.60
N PRO A 138 -5.76 3.68 27.85
CA PRO A 138 -5.33 2.51 28.62
C PRO A 138 -6.36 1.43 28.95
N ASN A 139 -7.64 1.81 29.04
CA ASN A 139 -8.67 0.85 29.43
C ASN A 139 -9.64 0.41 28.35
N TYR A 140 -9.78 -0.91 28.24
CA TYR A 140 -10.65 -1.53 27.26
C TYR A 140 -12.14 -1.46 27.57
N ALA A 141 -12.92 -1.08 26.55
CA ALA A 141 -14.37 -0.96 26.65
C ALA A 141 -14.93 -0.84 25.23
N PHE A 142 -15.65 -1.86 24.79
CA PHE A 142 -16.24 -1.86 23.46
C PHE A 142 -17.43 -0.91 23.33
N ARG A 143 -17.49 -0.17 22.24
CA ARG A 143 -18.60 0.76 22.00
C ARG A 143 -19.16 0.54 20.59
N GLU A 144 -20.39 0.04 20.50
CA GLU A 144 -21.00 -0.20 19.20
C GLU A 144 -21.25 1.12 18.49
N THR A 145 -20.83 1.18 17.23
CA THR A 145 -20.99 2.41 16.45
C THR A 145 -21.51 2.11 15.05
N SER A 146 -22.04 3.14 14.40
CA SER A 146 -22.56 2.98 13.05
C SER A 146 -21.40 2.82 12.07
N ASN A 147 -20.29 3.48 12.35
CA ASN A 147 -19.09 3.42 11.50
C ASN A 147 -17.84 3.30 12.36
N TYR A 148 -17.00 2.31 12.05
CA TYR A 148 -15.77 2.12 12.81
C TYR A 148 -14.55 2.72 12.14
N SER A 149 -13.98 3.74 12.77
CA SER A 149 -12.79 4.41 12.24
C SER A 149 -11.89 4.89 13.38
N LEU A 150 -10.66 5.26 13.04
CA LEU A 150 -9.70 5.71 14.03
C LEU A 150 -10.03 7.09 14.61
N PRO A 151 -10.13 7.20 15.96
CA PRO A 151 -10.44 8.47 16.62
C PRO A 151 -9.40 9.56 16.26
N GLN A 152 -9.80 10.82 16.36
CA GLN A 152 -8.89 11.91 15.99
C GLN A 152 -7.59 11.96 16.81
N ASP A 153 -7.64 11.60 18.09
CA ASP A 153 -6.43 11.62 18.91
C ASP A 153 -5.40 10.62 18.39
N ASP A 154 -5.89 9.46 17.97
CA ASP A 154 -5.00 8.42 17.45
C ASP A 154 -4.46 8.84 16.09
N ILE A 155 -5.27 9.57 15.33
CA ILE A 155 -4.86 10.06 14.01
C ILE A 155 -3.69 11.01 14.21
N ASP A 156 -3.84 11.95 15.15
CA ASP A 156 -2.80 12.92 15.43
C ASP A 156 -1.52 12.21 15.88
N GLY A 157 -1.69 11.15 16.66
CA GLY A 157 -0.55 10.40 17.14
C GLY A 157 0.23 9.69 16.02
N ILE A 158 -0.49 9.05 15.12
CA ILE A 158 0.18 8.34 14.03
C ILE A 158 0.81 9.34 13.06
N GLN A 159 0.13 10.45 12.79
CA GLN A 159 0.65 11.47 11.88
C GLN A 159 1.91 12.13 12.46
N ALA A 160 1.92 12.34 13.77
CA ALA A 160 3.07 12.98 14.43
C ALA A 160 4.35 12.16 14.31
N ILE A 161 4.23 10.87 13.98
CA ILE A 161 5.39 10.02 13.84
C ILE A 161 5.77 9.71 12.40
N TYR A 162 4.76 9.39 11.58
CA TYR A 162 4.99 9.02 10.18
C TYR A 162 4.43 10.02 9.18
N GLY A 163 3.63 10.98 9.67
CA GLY A 163 3.03 11.95 8.78
C GLY A 163 1.87 11.35 8.01
N MET B 1 7.08 20.26 -12.29
CA MET B 1 6.50 19.01 -12.74
C MET B 1 7.58 18.08 -13.28
N LEU B 2 8.82 18.56 -13.30
CA LEU B 2 9.93 17.76 -13.81
C LEU B 2 10.66 17.00 -12.72
N THR B 3 11.00 15.74 -13.01
CA THR B 3 11.72 14.89 -12.07
C THR B 3 13.06 15.57 -11.77
N PRO B 4 13.48 15.56 -10.50
CA PRO B 4 14.76 16.19 -10.14
C PRO B 4 15.93 15.69 -11.02
N GLY B 5 16.82 16.60 -11.38
CA GLY B 5 17.96 16.24 -12.22
C GLY B 5 17.64 16.43 -13.69
N ASN B 6 16.37 16.72 -13.97
CA ASN B 6 15.91 16.95 -15.34
C ASN B 6 16.25 15.84 -16.33
N PRO B 7 15.99 14.58 -15.97
CA PRO B 7 16.29 13.46 -16.87
C PRO B 7 15.27 13.38 -18.01
N LYS B 8 15.76 13.33 -19.24
CA LYS B 8 14.87 13.24 -20.40
C LYS B 8 15.46 12.36 -21.49
N TRP B 9 14.61 11.87 -22.39
CA TRP B 9 15.09 11.04 -23.50
C TRP B 9 15.71 11.97 -24.54
N GLU B 10 16.76 11.49 -25.19
CA GLU B 10 17.43 12.31 -26.20
C GLU B 10 16.88 12.07 -27.61
N ARG B 11 15.94 11.14 -27.73
CA ARG B 11 15.30 10.79 -29.00
C ARG B 11 13.80 10.95 -28.86
N THR B 12 13.12 11.33 -29.94
CA THR B 12 11.67 11.50 -29.89
C THR B 12 10.90 10.24 -30.30
N ASN B 13 11.59 9.30 -30.94
CA ASN B 13 10.97 8.05 -31.36
C ASN B 13 11.38 6.99 -30.34
N LEU B 14 10.41 6.48 -29.59
CA LEU B 14 10.67 5.49 -28.56
C LEU B 14 9.91 4.21 -28.83
N THR B 15 10.42 3.10 -28.30
CA THR B 15 9.78 1.80 -28.46
C THR B 15 9.32 1.26 -27.11
N TYR B 16 8.31 0.40 -27.14
CA TYR B 16 7.79 -0.21 -25.91
C TYR B 16 7.36 -1.64 -26.21
N ARG B 17 7.47 -2.51 -25.20
CA ARG B 17 7.06 -3.90 -25.36
C ARG B 17 6.28 -4.36 -24.14
N ILE B 18 5.17 -5.05 -24.37
CA ILE B 18 4.35 -5.60 -23.30
C ILE B 18 4.92 -7.00 -23.11
N ARG B 19 5.69 -7.19 -22.03
CA ARG B 19 6.35 -8.48 -21.77
C ARG B 19 5.42 -9.62 -21.35
N ASN B 20 4.44 -9.34 -20.52
CA ASN B 20 3.50 -10.38 -20.11
C ASN B 20 2.14 -9.73 -19.89
N TYR B 21 1.13 -10.55 -19.60
CA TYR B 21 -0.21 -10.04 -19.40
C TYR B 21 -0.83 -10.36 -18.05
N THR B 22 -2.07 -9.91 -17.86
CA THR B 22 -2.82 -10.13 -16.64
C THR B 22 -4.05 -10.95 -17.00
N PRO B 23 -4.32 -12.02 -16.24
CA PRO B 23 -5.46 -12.93 -16.43
C PRO B 23 -6.85 -12.29 -16.31
N GLN B 24 -6.93 -11.16 -15.64
CA GLN B 24 -8.21 -10.50 -15.44
C GLN B 24 -8.79 -9.84 -16.68
N LEU B 25 -7.92 -9.48 -17.61
CA LEU B 25 -8.34 -8.84 -18.85
C LEU B 25 -7.88 -9.70 -20.01
N SER B 26 -8.44 -9.46 -21.19
CA SER B 26 -8.04 -10.21 -22.38
C SER B 26 -6.80 -9.52 -22.95
N GLU B 27 -6.01 -10.24 -23.73
CA GLU B 27 -4.82 -9.64 -24.31
C GLU B 27 -5.17 -8.40 -25.14
N ALA B 28 -6.27 -8.50 -25.88
CA ALA B 28 -6.74 -7.41 -26.73
C ALA B 28 -7.02 -6.17 -25.90
N GLU B 29 -7.64 -6.37 -24.75
CA GLU B 29 -7.98 -5.27 -23.85
C GLU B 29 -6.74 -4.62 -23.21
N VAL B 30 -5.74 -5.44 -22.88
CA VAL B 30 -4.51 -4.90 -22.28
C VAL B 30 -3.81 -4.04 -23.31
N GLU B 31 -3.64 -4.59 -24.51
CA GLU B 31 -2.98 -3.87 -25.59
C GLU B 31 -3.66 -2.53 -25.88
N ARG B 32 -4.98 -2.53 -25.89
CA ARG B 32 -5.73 -1.32 -26.15
C ARG B 32 -5.55 -0.30 -25.02
N ALA B 33 -5.46 -0.77 -23.78
CA ALA B 33 -5.26 0.15 -22.66
C ALA B 33 -3.91 0.85 -22.78
N ILE B 34 -2.86 0.09 -23.06
CA ILE B 34 -1.51 0.64 -23.20
C ILE B 34 -1.41 1.60 -24.38
N LYS B 35 -1.97 1.19 -25.52
CA LYS B 35 -1.94 2.02 -26.72
C LYS B 35 -2.57 3.39 -26.45
N ASP B 36 -3.79 3.40 -25.93
CA ASP B 36 -4.49 4.65 -25.63
C ASP B 36 -3.73 5.49 -24.60
N ALA B 37 -3.01 4.83 -23.69
CA ALA B 37 -2.27 5.57 -22.67
C ALA B 37 -1.11 6.34 -23.30
N PHE B 38 -0.42 5.71 -24.25
CA PHE B 38 0.68 6.36 -24.94
C PHE B 38 0.18 7.46 -25.86
N GLU B 39 -0.95 7.21 -26.52
CA GLU B 39 -1.53 8.19 -27.45
C GLU B 39 -1.91 9.49 -26.75
N LEU B 40 -2.24 9.42 -25.46
CA LEU B 40 -2.58 10.63 -24.71
C LEU B 40 -1.40 11.59 -24.74
N TRP B 41 -0.21 11.06 -24.49
CA TRP B 41 0.99 11.88 -24.46
C TRP B 41 1.51 12.30 -25.83
N SER B 42 1.39 11.40 -26.81
CA SER B 42 1.87 11.68 -28.15
C SER B 42 1.11 12.80 -28.88
N VAL B 43 -0.17 12.98 -28.58
CA VAL B 43 -0.93 14.04 -29.25
C VAL B 43 -0.57 15.44 -28.75
N ALA B 44 0.23 15.53 -27.69
CA ALA B 44 0.61 16.84 -27.16
C ALA B 44 2.12 17.07 -27.18
N SER B 45 2.85 16.31 -27.99
CA SER B 45 4.30 16.45 -28.08
C SER B 45 4.80 15.79 -29.35
N PRO B 46 6.12 15.79 -29.57
CA PRO B 46 6.69 15.17 -30.77
C PRO B 46 6.94 13.67 -30.56
N LEU B 47 6.70 13.20 -29.35
CA LEU B 47 6.93 11.79 -29.01
C LEU B 47 6.10 10.82 -29.85
N ILE B 48 6.75 9.77 -30.32
CA ILE B 48 6.11 8.73 -31.11
C ILE B 48 6.45 7.40 -30.46
N PHE B 49 5.42 6.60 -30.18
CA PHE B 49 5.63 5.32 -29.54
C PHE B 49 5.37 4.16 -30.50
N THR B 50 6.34 3.26 -30.61
CA THR B 50 6.21 2.12 -31.49
C THR B 50 6.31 0.83 -30.70
N ARG B 51 5.26 0.01 -30.78
CA ARG B 51 5.23 -1.25 -30.08
C ARG B 51 6.02 -2.33 -30.82
N ILE B 52 6.82 -3.09 -30.09
CA ILE B 52 7.57 -4.21 -30.67
C ILE B 52 7.25 -5.42 -29.80
N SER B 53 7.23 -6.60 -30.40
CA SER B 53 6.89 -7.81 -29.66
C SER B 53 8.09 -8.70 -29.34
N GLN B 54 9.27 -8.27 -29.76
CA GLN B 54 10.49 -9.02 -29.52
C GLN B 54 11.70 -8.09 -29.53
N GLY B 55 12.74 -8.46 -28.80
CA GLY B 55 13.92 -7.62 -28.74
C GLY B 55 13.81 -6.59 -27.63
N GLU B 56 14.82 -5.72 -27.55
CA GLU B 56 14.84 -4.71 -26.52
C GLU B 56 14.19 -3.40 -26.92
N ALA B 57 13.28 -2.92 -26.07
CA ALA B 57 12.58 -1.67 -26.32
C ALA B 57 13.03 -0.64 -25.30
N ASP B 58 12.61 0.60 -25.49
CA ASP B 58 12.97 1.68 -24.58
C ASP B 58 12.13 1.53 -23.31
N ILE B 59 10.86 1.19 -23.48
CA ILE B 59 9.95 1.04 -22.34
C ILE B 59 9.34 -0.35 -22.24
N ASN B 60 9.86 -1.14 -21.32
CA ASN B 60 9.33 -2.48 -21.09
C ASN B 60 8.16 -2.37 -20.13
N ILE B 61 7.10 -3.11 -20.44
CA ILE B 61 5.89 -3.11 -19.61
C ILE B 61 5.64 -4.54 -19.14
N ALA B 62 5.43 -4.72 -17.83
CA ALA B 62 5.21 -6.04 -17.28
C ALA B 62 4.44 -6.05 -15.97
N PHE B 63 3.77 -7.18 -15.68
CA PHE B 63 3.01 -7.35 -14.45
C PHE B 63 3.81 -8.30 -13.56
N TYR B 64 4.22 -7.81 -12.40
CA TYR B 64 5.01 -8.61 -11.47
C TYR B 64 4.37 -8.73 -10.09
N GLN B 65 4.84 -9.72 -9.35
CA GLN B 65 4.36 -10.01 -8.00
C GLN B 65 5.51 -9.92 -6.98
N ARG B 66 5.26 -9.24 -5.85
CA ARG B 66 6.24 -9.06 -4.78
C ARG B 66 7.64 -8.72 -5.30
N ASP B 67 8.65 -9.46 -4.84
CA ASP B 67 10.02 -9.22 -5.30
C ASP B 67 10.17 -9.66 -6.75
N HIS B 68 10.59 -8.72 -7.60
CA HIS B 68 10.76 -9.00 -9.00
C HIS B 68 12.08 -8.49 -9.57
N GLY B 69 13.11 -8.50 -8.74
CA GLY B 69 14.43 -8.10 -9.19
C GLY B 69 14.97 -6.68 -9.17
N ASP B 70 14.16 -5.67 -8.86
CA ASP B 70 14.71 -4.31 -8.84
C ASP B 70 14.79 -3.67 -7.45
N ASN B 71 14.83 -4.50 -6.42
CA ASN B 71 14.96 -4.04 -5.05
C ASN B 71 13.83 -3.11 -4.61
N SER B 72 12.72 -3.16 -5.33
CA SER B 72 11.56 -2.34 -5.01
C SER B 72 10.34 -3.25 -5.24
N PRO B 73 10.10 -4.18 -4.31
CA PRO B 73 9.00 -5.15 -4.33
C PRO B 73 7.59 -4.60 -4.23
N PHE B 74 6.64 -5.33 -4.82
CA PHE B 74 5.23 -4.95 -4.75
C PHE B 74 4.65 -5.49 -3.45
N ASP B 75 3.45 -5.05 -3.09
CA ASP B 75 2.86 -5.43 -1.80
C ASP B 75 1.47 -6.08 -1.75
N GLY B 76 1.10 -6.89 -2.73
CA GLY B 76 -0.21 -7.53 -2.69
C GLY B 76 -1.38 -6.62 -3.02
N PRO B 77 -2.63 -7.04 -2.81
CA PRO B 77 -3.77 -6.17 -3.13
C PRO B 77 -3.70 -4.74 -2.56
N ASN B 78 -4.05 -3.77 -3.39
CA ASN B 78 -4.07 -2.35 -3.01
C ASN B 78 -2.70 -1.77 -2.71
N GLY B 79 -2.64 -0.65 -2.00
CA GLY B 79 -1.34 -0.04 -1.71
C GLY B 79 -0.68 0.45 -3.00
N ILE B 80 0.59 0.10 -3.21
CA ILE B 80 1.30 0.51 -4.42
C ILE B 80 0.72 -0.19 -5.66
N LEU B 81 0.22 0.58 -6.62
CA LEU B 81 -0.37 0.00 -7.82
C LEU B 81 0.66 -0.34 -8.88
N ALA B 82 1.67 0.50 -9.01
CA ALA B 82 2.71 0.32 -10.02
C ALA B 82 3.78 1.37 -9.81
N HIS B 83 4.82 1.30 -10.63
CA HIS B 83 5.90 2.28 -10.58
C HIS B 83 6.69 2.24 -11.88
N ALA B 84 7.36 3.34 -12.17
CA ALA B 84 8.13 3.48 -13.41
C ALA B 84 9.45 4.19 -13.12
N PHE B 85 10.47 3.91 -13.93
CA PHE B 85 11.77 4.52 -13.75
C PHE B 85 12.00 5.68 -14.70
N GLN B 86 12.74 6.69 -14.26
CA GLN B 86 13.02 7.86 -15.08
C GLN B 86 13.78 7.53 -16.36
N PRO B 87 13.76 8.44 -17.35
CA PRO B 87 14.45 8.22 -18.64
C PRO B 87 15.91 7.79 -18.47
N GLY B 88 16.29 6.76 -19.22
CA GLY B 88 17.66 6.29 -19.14
C GLY B 88 17.79 4.90 -19.72
N GLN B 89 19.01 4.47 -19.96
CA GLN B 89 19.24 3.14 -20.52
C GLN B 89 18.95 2.06 -19.49
N GLY B 90 18.78 0.84 -19.95
CA GLY B 90 18.54 -0.26 -19.04
C GLY B 90 17.14 -0.29 -18.47
N ILE B 91 17.01 -0.26 -17.15
CA ILE B 91 15.70 -0.29 -16.54
C ILE B 91 15.03 1.08 -16.64
N GLY B 92 15.82 2.12 -16.87
CA GLY B 92 15.26 3.46 -16.99
C GLY B 92 14.09 3.55 -17.96
N GLY B 93 12.99 4.13 -17.52
CA GLY B 93 11.83 4.26 -18.38
C GLY B 93 10.83 3.12 -18.27
N ASP B 94 11.27 1.98 -17.75
CA ASP B 94 10.39 0.83 -17.64
C ASP B 94 9.24 1.04 -16.65
N ALA B 95 8.12 0.37 -16.89
CA ALA B 95 6.96 0.48 -16.01
C ALA B 95 6.50 -0.91 -15.59
N HIS B 96 6.35 -1.09 -14.28
CA HIS B 96 5.91 -2.38 -13.74
C HIS B 96 4.57 -2.24 -13.03
N PHE B 97 3.68 -3.20 -13.24
CA PHE B 97 2.36 -3.15 -12.61
C PHE B 97 2.19 -4.33 -11.65
N ASP B 98 1.62 -4.07 -10.47
CA ASP B 98 1.43 -5.13 -9.48
C ASP B 98 0.41 -6.13 -9.97
N ALA B 99 0.87 -7.35 -10.23
CA ALA B 99 0.04 -8.43 -10.74
C ALA B 99 -1.07 -8.91 -9.81
N GLU B 100 -1.01 -8.56 -8.53
CA GLU B 100 -2.06 -9.01 -7.62
C GLU B 100 -3.24 -8.04 -7.55
N GLU B 101 -3.21 -7.02 -8.41
CA GLU B 101 -4.30 -6.04 -8.43
C GLU B 101 -5.41 -6.49 -9.36
N THR B 102 -6.61 -5.95 -9.14
CA THR B 102 -7.74 -6.24 -10.00
C THR B 102 -7.70 -5.17 -11.10
N TRP B 103 -7.26 -5.56 -12.29
CA TRP B 103 -7.18 -4.62 -13.42
C TRP B 103 -8.47 -4.63 -14.24
N THR B 104 -8.96 -3.44 -14.58
CA THR B 104 -10.20 -3.32 -15.34
C THR B 104 -10.17 -2.28 -16.46
N ASN B 105 -11.23 -2.25 -17.26
CA ASN B 105 -11.35 -1.26 -18.32
C ASN B 105 -12.65 -0.48 -18.04
N THR B 106 -13.02 -0.44 -16.76
CA THR B 106 -14.22 0.27 -16.30
C THR B 106 -13.84 1.27 -15.20
N SER B 107 -14.84 1.77 -14.48
CA SER B 107 -14.56 2.74 -13.42
C SER B 107 -14.15 2.05 -12.11
N ALA B 108 -14.34 0.73 -12.05
CA ALA B 108 -13.97 -0.03 -10.85
C ALA B 108 -12.44 -0.13 -10.67
N ASN B 109 -11.99 -0.19 -9.42
CA ASN B 109 -10.55 -0.29 -9.12
C ASN B 109 -9.97 -1.61 -9.67
N TYR B 110 -8.89 -1.55 -10.44
CA TYR B 110 -8.23 -0.31 -10.82
C TYR B 110 -8.14 -0.30 -12.35
N ASN B 111 -8.41 0.86 -12.95
CA ASN B 111 -8.40 0.97 -14.41
C ASN B 111 -6.98 0.98 -14.96
N LEU B 112 -6.67 -0.04 -15.76
CA LEU B 112 -5.35 -0.19 -16.35
C LEU B 112 -4.91 1.03 -17.15
N PHE B 113 -5.76 1.46 -18.06
CA PHE B 113 -5.49 2.63 -18.91
C PHE B 113 -4.99 3.83 -18.11
N LEU B 114 -5.72 4.15 -17.05
CA LEU B 114 -5.39 5.29 -16.19
C LEU B 114 -4.06 5.17 -15.47
N VAL B 115 -3.82 4.03 -14.81
CA VAL B 115 -2.57 3.83 -14.09
C VAL B 115 -1.39 3.86 -15.05
N ALA B 116 -1.56 3.23 -16.22
CA ALA B 116 -0.49 3.20 -17.22
C ALA B 116 -0.12 4.60 -17.72
N ALA B 117 -1.13 5.39 -18.09
CA ALA B 117 -0.89 6.74 -18.60
C ALA B 117 -0.07 7.52 -17.58
N HIS B 118 -0.47 7.39 -16.32
CA HIS B 118 0.23 8.04 -15.21
C HIS B 118 1.67 7.54 -15.12
N GLU B 119 1.86 6.22 -15.08
CA GLU B 119 3.20 5.66 -15.00
C GLU B 119 4.09 6.12 -16.17
N PHE B 120 3.54 6.18 -17.38
CA PHE B 120 4.35 6.63 -18.51
C PHE B 120 4.83 8.07 -18.30
N GLY B 121 4.05 8.87 -17.58
CA GLY B 121 4.48 10.23 -17.29
C GLY B 121 5.85 10.19 -16.63
N HIS B 122 5.99 9.30 -15.66
CA HIS B 122 7.27 9.17 -14.96
C HIS B 122 8.33 8.60 -15.90
N SER B 123 7.92 7.73 -16.81
CA SER B 123 8.85 7.15 -17.79
C SER B 123 9.41 8.23 -18.70
N LEU B 124 8.62 9.29 -18.91
CA LEU B 124 9.04 10.39 -19.78
C LEU B 124 9.78 11.50 -19.05
N GLY B 125 9.83 11.42 -17.73
CA GLY B 125 10.55 12.43 -16.98
C GLY B 125 9.72 13.41 -16.19
N LEU B 126 8.45 13.10 -15.98
CA LEU B 126 7.58 13.99 -15.23
C LEU B 126 7.44 13.59 -13.77
N ALA B 127 7.38 14.59 -12.90
CA ALA B 127 7.22 14.37 -11.46
C ALA B 127 5.73 14.51 -11.13
N HIS B 128 5.36 14.52 -9.86
CA HIS B 128 3.96 14.68 -9.48
C HIS B 128 3.57 16.15 -9.52
N SER B 129 2.33 16.41 -9.90
CA SER B 129 1.81 17.78 -9.97
C SER B 129 0.88 17.99 -8.79
N SER B 130 0.73 19.26 -8.37
CA SER B 130 -0.15 19.58 -7.25
C SER B 130 -1.55 19.97 -7.76
N ASP B 131 -1.71 19.96 -9.07
CA ASP B 131 -2.99 20.28 -9.70
C ASP B 131 -3.87 19.03 -9.55
N PRO B 132 -4.90 19.11 -8.69
CA PRO B 132 -5.80 17.96 -8.46
C PRO B 132 -6.55 17.36 -9.65
N GLY B 133 -6.53 18.05 -10.79
CA GLY B 133 -7.19 17.49 -11.96
C GLY B 133 -6.21 16.89 -12.94
N ALA B 134 -4.92 16.93 -12.61
CA ALA B 134 -3.90 16.42 -13.51
C ALA B 134 -3.70 14.91 -13.45
N LEU B 135 -3.29 14.35 -14.59
CA LEU B 135 -3.02 12.93 -14.69
C LEU B 135 -1.89 12.59 -13.72
N MET B 136 -0.96 13.52 -13.57
CA MET B 136 0.18 13.33 -12.69
C MET B 136 -0.03 13.69 -11.21
N TYR B 137 -1.28 13.89 -10.81
CA TYR B 137 -1.60 14.21 -9.41
C TYR B 137 -1.21 12.95 -8.59
N PRO B 138 -0.71 13.13 -7.36
CA PRO B 138 -0.29 12.03 -6.48
C PRO B 138 -1.33 10.96 -6.12
N ASN B 139 -2.60 11.35 -6.03
CA ASN B 139 -3.67 10.43 -5.63
C ASN B 139 -4.60 9.98 -6.74
N TYR B 140 -4.79 8.66 -6.83
CA TYR B 140 -5.63 8.05 -7.85
C TYR B 140 -7.13 8.13 -7.54
N ALA B 141 -7.90 8.45 -8.56
CA ALA B 141 -9.35 8.56 -8.45
C ALA B 141 -9.93 8.64 -9.86
N PHE B 142 -10.68 7.62 -10.25
CA PHE B 142 -11.27 7.59 -11.58
C PHE B 142 -12.46 8.55 -11.74
N ARG B 143 -12.52 9.22 -12.88
CA ARG B 143 -13.60 10.16 -13.19
C ARG B 143 -14.11 9.88 -14.60
N GLU B 144 -15.39 9.54 -14.72
CA GLU B 144 -15.95 9.26 -16.04
C GLU B 144 -16.14 10.56 -16.80
N THR B 145 -15.80 10.55 -18.08
CA THR B 145 -15.95 11.74 -18.92
C THR B 145 -16.46 11.35 -20.29
N SER B 146 -17.02 12.32 -21.02
CA SER B 146 -17.55 12.07 -22.34
C SER B 146 -16.48 12.07 -23.42
N ASN B 147 -15.29 12.54 -23.04
CA ASN B 147 -14.14 12.61 -23.94
C ASN B 147 -12.86 12.44 -23.12
N TYR B 148 -12.00 11.51 -23.51
CA TYR B 148 -10.78 11.28 -22.76
C TYR B 148 -9.53 11.87 -23.41
N SER B 149 -9.01 12.94 -22.80
CA SER B 149 -7.80 13.60 -23.28
C SER B 149 -6.88 14.00 -22.13
N LEU B 150 -5.67 14.43 -22.46
CA LEU B 150 -4.69 14.82 -21.45
C LEU B 150 -4.98 16.20 -20.84
N PRO B 151 -5.12 16.26 -19.51
CA PRO B 151 -5.40 17.54 -18.82
C PRO B 151 -4.36 18.61 -19.22
N GLN B 152 -4.74 19.89 -19.13
CA GLN B 152 -3.83 20.95 -19.52
C GLN B 152 -2.51 21.02 -18.72
N ASP B 153 -2.55 20.79 -17.41
CA ASP B 153 -1.32 20.85 -16.63
C ASP B 153 -0.30 19.82 -17.11
N ASP B 154 -0.78 18.68 -17.57
CA ASP B 154 0.10 17.63 -18.06
C ASP B 154 0.61 18.00 -19.46
N ILE B 155 -0.19 18.74 -20.21
CA ILE B 155 0.21 19.17 -21.54
C ILE B 155 1.40 20.11 -21.36
N ASP B 156 1.27 21.07 -20.46
CA ASP B 156 2.33 22.02 -20.20
C ASP B 156 3.60 21.29 -19.76
N GLY B 157 3.44 20.33 -18.86
CA GLY B 157 4.59 19.59 -18.38
C GLY B 157 5.35 18.88 -19.49
N ILE B 158 4.63 18.17 -20.34
CA ILE B 158 5.26 17.44 -21.42
C ILE B 158 5.91 18.42 -22.41
N GLN B 159 5.27 19.57 -22.63
CA GLN B 159 5.79 20.57 -23.55
C GLN B 159 7.08 21.22 -23.02
N ALA B 160 7.11 21.52 -21.72
CA ALA B 160 8.29 22.14 -21.13
C ALA B 160 9.54 21.27 -21.32
N ILE B 161 9.33 19.97 -21.45
CA ILE B 161 10.46 19.05 -21.61
C ILE B 161 10.82 18.72 -23.06
N TYR B 162 9.82 18.35 -23.84
CA TYR B 162 10.03 17.94 -25.22
C TYR B 162 9.46 18.91 -26.26
N GLY B 163 8.64 19.85 -25.82
CA GLY B 163 8.04 20.80 -26.73
C GLY B 163 6.91 20.14 -27.52
CA CA C . 9.29 -8.26 14.41
CA CA D . -5.02 -12.91 30.35
ZN ZN E . 4.71 -12.19 24.48
ZN ZN F . -1.78 -0.49 25.49
N1 AXB G . -5.12 -2.66 29.91
CAZ AXB G . -4.81 -3.76 29.22
CBF AXB G . -4.05 -5.01 29.53
OAD AXB G . -3.43 -5.46 30.56
CBG AXB G . -4.26 -5.50 28.14
OAE AXB G . -4.00 -6.49 27.48
CBD AXB G . -5.05 -4.20 27.92
N2 AXB G . -5.76 -3.73 26.90
CAM AXB G . -5.25 -4.23 25.61
CAK AXB G . -6.33 -4.06 24.55
CAP AXB G . -5.78 -2.26 26.89
CAY AXB G . -6.69 -1.83 25.74
CAJ AXB G . -7.29 -0.57 25.79
CAX AXB G . -6.94 -2.65 24.64
CAI AXB G . -7.78 -2.23 23.62
CAH AXB G . -8.39 -0.98 23.68
CAW AXB G . -8.13 -0.15 24.76
CAO AXB G . -8.77 1.25 24.86
N3 AXB G . -9.73 1.48 23.77
CAV AXB G . -10.96 0.97 23.77
OAB AXB G . -11.41 0.24 24.65
CBB AXB G . -11.79 1.35 22.54
N4 AXB G . -11.27 2.16 21.62
CBH AXB G . -11.97 2.51 20.52
SAU AXB G . -11.55 3.51 19.21
CBA AXB G . -13.01 3.34 18.33
CAQ AXB G . -13.36 4.01 17.00
SBK AXB G . -14.83 3.23 16.24
OAF AXB G . -15.49 4.19 15.30
OAG AXB G . -14.41 1.98 15.52
CAN AXB G . -15.93 2.84 17.64
CAL AXB G . -15.20 1.95 18.65
CBC AXB G . -13.83 2.48 19.08
CBI AXB G . -13.26 2.04 20.28
CBE AXB G . -13.81 1.19 21.24
OAC AXB G . -14.95 0.74 21.08
N5 AXB G . -13.08 0.83 22.38
C1 HAE H . 1.11 -5.33 31.33
C2 HAE H . 1.37 -5.95 29.97
O2 HAE H . 0.60 -5.81 29.04
N HAE H . 2.58 -6.44 29.82
O HAE H . 2.74 -7.71 29.36
CA CA I . 14.31 0.81 -20.42
CA CA J . -0.17 -3.50 -4.65
ZN ZN K . 9.62 -2.99 -10.34
ZN ZN L . 3.21 8.79 -9.70
N1 AXB M . -0.48 6.70 -5.16
CAZ AXB M . -0.14 5.59 -5.81
CBF AXB M . 0.57 4.32 -5.44
OAD AXB M . 1.03 3.86 -4.37
CBG AXB M . 0.46 3.84 -6.85
OAE AXB M . 0.81 2.86 -7.50
CBD AXB M . -0.31 5.15 -7.11
N2 AXB M . -0.94 5.64 -8.18
CAM AXB M . -0.38 5.13 -9.43
CAK AXB M . -1.41 5.34 -10.55
CAP AXB M . -0.91 7.10 -8.18
CAY AXB M . -1.76 7.57 -9.37
CAJ AXB M . -2.34 8.84 -9.32
CAX AXB M . -1.99 6.74 -10.47
CAI AXB M . -2.79 7.20 -11.51
CAH AXB M . -3.37 8.47 -11.46
CAW AXB M . -3.15 9.28 -10.36
CAO AXB M . -3.79 10.67 -10.26
N3 AXB M . -4.73 10.89 -11.37
CAV AXB M . -5.98 10.41 -11.35
OAB AXB M . -6.46 9.74 -10.46
CBB AXB M . -6.79 10.76 -12.60
N4 AXB M . -6.21 11.53 -13.54
CBH AXB M . -6.85 11.81 -14.70
SAU AXB M . -6.34 12.69 -16.06
CBA AXB M . -7.74 12.46 -17.01
CAQ AXB M . -7.98 12.97 -18.44
SBK AXB M . -9.40 12.13 -19.20
OAF AXB M . -9.96 12.97 -20.31
OAG AXB M . -8.98 10.79 -19.71
CAN AXB M . -10.61 11.95 -17.84
CAL AXB M . -9.98 11.15 -16.70
CBC AXB M . -8.61 11.67 -16.24
CBI AXB M . -8.12 11.32 -14.98
CBE AXB M . -8.73 10.53 -14.01
OAC AXB M . -9.86 10.07 -14.20
N5 AXB M . -8.07 10.24 -12.81
#